data_2PGT
#
_entry.id   2PGT
#
_cell.length_a   80.180
_cell.length_b   90.540
_cell.length_c   69.370
_cell.angle_alpha   90.00
_cell.angle_beta   98.45
_cell.angle_gamma   90.00
#
_symmetry.space_group_name_H-M   'C 1 2 1'
#
loop_
_entity.id
_entity.type
_entity.pdbx_description
1 polymer 'GLUTATHIONE S-TRANSFERASE'
2 non-polymer 'SULFATE ION'
3 non-polymer (9R,10R)-9-(S-GLUTATHIONYL)-10-HYDROXY-9,10-DIHYDROPHENANTHRENE
4 non-polymer '4-(2-HYDROXYETHYL)-1-PIPERAZINE ETHANESULFONIC ACID'
5 water water
#
_entity_poly.entity_id   1
_entity_poly.type   'polypeptide(L)'
_entity_poly.pdbx_seq_one_letter_code
;MPPYTVVYFPVRGRCAALRMLLADQGQSWKEEVVTVETWQEGSLKASCLYGQLPKFQDGDLTLYQSNTILRHLGRTLGLY
GKDQQEAALVDMVNDGVEDLRCKYVSLIYTNYEAGKDDYVKALPGQLKPFETLLSQNQGGKTFIVGDQISFADYNLLDLL
LIHEVLAPGCLDAFPLLSAYVGRLSARPKLKAFLASPEYVNLPINGNGKQ
;
_entity_poly.pdbx_strand_id   A,B
#
loop_
_chem_comp.id
_chem_comp.type
_chem_comp.name
_chem_comp.formula
EPE non-polymer '4-(2-HYDROXYETHYL)-1-PIPERAZINE ETHANESULFONIC ACID' 'C8 H18 N2 O4 S'
GPR non-polymer (9R,10R)-9-(S-GLUTATHIONYL)-10-HYDROXY-9,10-DIHYDROPHENANTHRENE 'C24 H27 N3 O7 S'
SO4 non-polymer 'SULFATE ION' 'O4 S -2'
#
# COMPACT_ATOMS: atom_id res chain seq x y z
N MET A 1 -30.41 -5.82 -7.76
CA MET A 1 -29.32 -4.87 -8.10
C MET A 1 -28.00 -5.58 -7.81
N PRO A 2 -26.90 -5.25 -8.48
CA PRO A 2 -25.61 -5.90 -8.22
C PRO A 2 -25.15 -5.61 -6.81
N PRO A 3 -24.53 -6.54 -6.01
CA PRO A 3 -24.04 -6.18 -4.68
C PRO A 3 -22.90 -5.13 -4.73
N TYR A 4 -22.29 -4.84 -5.89
CA TYR A 4 -21.11 -3.90 -5.93
C TYR A 4 -21.42 -2.54 -6.45
N THR A 5 -20.85 -1.51 -5.86
CA THR A 5 -21.08 -0.15 -6.39
C THR A 5 -19.72 0.54 -6.30
N VAL A 6 -19.34 1.28 -7.32
CA VAL A 6 -18.09 2.01 -7.35
C VAL A 6 -18.47 3.47 -7.46
N VAL A 7 -17.94 4.31 -6.64
CA VAL A 7 -18.22 5.74 -6.61
C VAL A 7 -16.89 6.40 -6.88
N TYR A 8 -16.83 7.08 -8.03
CA TYR A 8 -15.56 7.73 -8.40
C TYR A 8 -15.80 8.77 -9.48
N PHE A 9 -14.81 9.56 -9.78
CA PHE A 9 -14.83 10.54 -10.84
C PHE A 9 -14.90 9.79 -12.17
N PRO A 10 -15.27 10.48 -13.22
CA PRO A 10 -15.46 9.80 -14.52
C PRO A 10 -14.11 9.68 -15.23
N VAL A 11 -13.21 8.89 -14.61
CA VAL A 11 -11.86 8.69 -15.10
C VAL A 11 -11.47 7.24 -14.81
N ARG A 12 -10.41 6.76 -15.51
CA ARG A 12 -9.99 5.36 -15.26
C ARG A 12 -9.24 5.33 -13.93
N GLY A 13 -8.27 6.19 -13.80
CA GLY A 13 -7.43 6.45 -12.65
C GLY A 13 -7.17 5.25 -11.76
N ARG A 14 -7.56 5.36 -10.47
CA ARG A 14 -7.41 4.30 -9.50
C ARG A 14 -8.53 3.28 -9.51
N CYS A 15 -9.44 3.35 -10.50
CA CYS A 15 -10.49 2.34 -10.62
C CYS A 15 -10.35 1.45 -11.83
N ALA A 16 -9.48 1.77 -12.75
CA ALA A 16 -9.29 0.90 -13.95
C ALA A 16 -8.96 -0.51 -13.63
N ALA A 17 -8.05 -0.87 -12.67
CA ALA A 17 -7.71 -2.26 -12.40
C ALA A 17 -8.81 -2.99 -11.70
N LEU A 18 -9.56 -2.31 -10.79
CA LEU A 18 -10.68 -3.00 -10.14
C LEU A 18 -11.83 -3.21 -11.13
N ARG A 19 -12.05 -2.30 -12.04
CA ARG A 19 -13.09 -2.58 -13.07
C ARG A 19 -12.70 -3.70 -14.01
N MET A 20 -11.38 -3.81 -14.33
CA MET A 20 -10.95 -4.90 -15.23
C MET A 20 -11.13 -6.23 -14.56
N LEU A 21 -10.91 -6.22 -13.22
CA LEU A 21 -11.04 -7.44 -12.46
C LEU A 21 -12.48 -7.92 -12.47
N LEU A 22 -13.40 -6.99 -12.13
CA LEU A 22 -14.84 -7.38 -12.12
C LEU A 22 -15.27 -7.83 -13.51
N ALA A 23 -14.93 -7.06 -14.52
CA ALA A 23 -15.33 -7.47 -15.89
C ALA A 23 -14.74 -8.80 -16.27
N ASP A 24 -13.45 -9.03 -16.00
CA ASP A 24 -12.87 -10.34 -16.38
C ASP A 24 -13.46 -11.45 -15.57
N GLN A 25 -13.91 -11.17 -14.33
CA GLN A 25 -14.47 -12.24 -13.51
C GLN A 25 -15.95 -12.39 -13.76
N GLY A 26 -16.54 -11.61 -14.64
CA GLY A 26 -17.96 -11.82 -14.95
C GLY A 26 -18.93 -11.32 -13.88
N GLN A 27 -18.54 -10.28 -13.16
CA GLN A 27 -19.39 -9.72 -12.12
C GLN A 27 -20.00 -8.39 -12.55
N SER A 28 -21.22 -8.11 -12.10
CA SER A 28 -21.82 -6.83 -12.45
C SER A 28 -21.56 -5.88 -11.28
N TRP A 29 -21.56 -4.61 -11.55
CA TRP A 29 -21.38 -3.62 -10.51
C TRP A 29 -22.11 -2.39 -11.05
N LYS A 30 -22.39 -1.44 -10.21
CA LYS A 30 -23.04 -0.22 -10.72
C LYS A 30 -22.02 0.87 -10.59
N GLU A 31 -22.00 1.83 -11.48
CA GLU A 31 -21.12 2.96 -11.34
C GLU A 31 -21.94 4.15 -10.82
N GLU A 32 -21.45 4.83 -9.79
CA GLU A 32 -22.06 6.04 -9.30
C GLU A 32 -21.01 7.09 -9.63
N VAL A 33 -21.25 7.93 -10.62
CA VAL A 33 -20.26 8.90 -11.04
C VAL A 33 -20.36 10.17 -10.28
N VAL A 34 -19.24 10.75 -9.85
CA VAL A 34 -19.22 12.02 -9.14
C VAL A 34 -18.48 13.02 -10.03
N THR A 35 -19.16 14.11 -10.40
CA THR A 35 -18.51 15.10 -11.27
C THR A 35 -17.66 16.00 -10.37
N VAL A 36 -16.76 16.76 -10.96
CA VAL A 36 -15.90 17.66 -10.20
C VAL A 36 -16.77 18.69 -9.50
N GLU A 37 -17.89 19.05 -10.11
CA GLU A 37 -18.85 20.00 -9.55
C GLU A 37 -19.47 19.48 -8.27
N THR A 38 -20.04 18.29 -8.28
CA THR A 38 -20.55 17.76 -7.02
C THR A 38 -19.48 17.68 -5.94
N TRP A 39 -18.23 17.38 -6.30
CA TRP A 39 -17.13 17.19 -5.35
C TRP A 39 -16.79 18.51 -4.68
N GLN A 40 -16.75 19.58 -5.47
CA GLN A 40 -16.46 20.90 -4.91
C GLN A 40 -17.60 21.34 -3.99
N GLU A 41 -18.83 20.88 -4.22
CA GLU A 41 -19.89 21.27 -3.27
C GLU A 41 -19.38 21.03 -1.84
N GLY A 42 -18.68 19.91 -1.64
CA GLY A 42 -18.05 19.56 -0.40
C GLY A 42 -18.65 18.50 0.48
N SER A 43 -19.96 18.25 0.43
CA SER A 43 -20.59 17.30 1.33
C SER A 43 -20.26 15.84 1.18
N LEU A 44 -19.95 15.34 -0.01
CA LEU A 44 -19.62 13.93 -0.19
C LEU A 44 -18.19 13.74 0.33
N LYS A 45 -17.32 14.71 0.09
CA LYS A 45 -15.94 14.62 0.50
C LYS A 45 -15.82 14.48 2.02
N ALA A 46 -16.51 15.40 2.72
CA ALA A 46 -16.53 15.37 4.18
C ALA A 46 -17.12 14.04 4.66
N SER A 47 -17.86 13.32 3.83
CA SER A 47 -18.39 12.05 4.27
C SER A 47 -17.40 10.91 3.99
N CYS A 48 -16.39 11.17 3.19
CA CYS A 48 -15.43 10.06 2.87
C CYS A 48 -14.39 9.94 3.98
N LEU A 49 -14.07 8.75 4.45
CA LEU A 49 -13.14 8.55 5.57
C LEU A 49 -11.83 9.28 5.43
N TYR A 50 -11.18 9.18 4.23
CA TYR A 50 -9.94 9.95 4.12
C TYR A 50 -10.06 11.14 3.18
N GLY A 51 -11.32 11.56 2.98
CA GLY A 51 -11.57 12.75 2.15
C GLY A 51 -11.34 12.54 0.65
N GLN A 52 -11.34 11.27 0.22
CA GLN A 52 -11.05 10.98 -1.18
C GLN A 52 -11.85 9.81 -1.71
N LEU A 53 -11.87 9.67 -3.06
CA LEU A 53 -12.46 8.52 -3.73
C LEU A 53 -11.31 7.74 -4.40
N PRO A 54 -11.54 6.51 -4.80
CA PRO A 54 -12.82 5.89 -4.74
C PRO A 54 -13.38 5.42 -3.40
N LYS A 55 -14.71 5.17 -3.49
CA LYS A 55 -15.48 4.58 -2.42
C LYS A 55 -16.09 3.38 -3.10
N PHE A 56 -16.24 2.27 -2.42
CA PHE A 56 -16.78 1.06 -2.99
C PHE A 56 -17.77 0.48 -1.98
N GLN A 57 -18.86 -0.10 -2.42
CA GLN A 57 -19.77 -0.72 -1.43
C GLN A 57 -20.01 -2.14 -1.86
N ASP A 58 -19.90 -3.06 -0.92
CA ASP A 58 -20.16 -4.46 -1.18
C ASP A 58 -21.28 -4.82 -0.21
N GLY A 59 -22.50 -4.68 -0.67
CA GLY A 59 -23.62 -4.85 0.24
C GLY A 59 -23.60 -3.62 1.15
N ASP A 60 -23.51 -3.83 2.45
CA ASP A 60 -23.47 -2.69 3.38
C ASP A 60 -22.04 -2.44 3.89
N LEU A 61 -21.06 -3.13 3.34
CA LEU A 61 -19.67 -2.88 3.70
C LEU A 61 -19.14 -1.74 2.86
N THR A 62 -18.80 -0.59 3.39
CA THR A 62 -18.29 0.52 2.60
C THR A 62 -16.77 0.60 2.73
N LEU A 63 -16.04 0.60 1.61
CA LEU A 63 -14.58 0.65 1.71
C LEU A 63 -14.01 1.85 1.04
N TYR A 64 -12.88 2.35 1.47
CA TYR A 64 -12.11 3.38 0.83
C TYR A 64 -10.70 2.76 0.54
N GLN A 65 -9.90 3.38 -0.28
CA GLN A 65 -8.52 2.91 -0.58
C GLN A 65 -8.54 1.93 -1.72
N SER A 66 -8.04 2.30 -2.90
CA SER A 66 -8.08 1.42 -4.08
C SER A 66 -7.47 0.07 -3.86
N ASN A 67 -6.32 -0.01 -3.14
CA ASN A 67 -5.70 -1.32 -2.90
C ASN A 67 -6.46 -2.12 -1.92
N THR A 68 -7.20 -1.47 -0.96
CA THR A 68 -8.04 -2.29 -0.06
C THR A 68 -9.14 -3.00 -0.81
N ILE A 69 -9.74 -2.28 -1.75
CA ILE A 69 -10.80 -2.82 -2.60
C ILE A 69 -10.28 -3.95 -3.45
N LEU A 70 -9.06 -3.86 -4.02
CA LEU A 70 -8.48 -4.95 -4.82
C LEU A 70 -8.22 -6.15 -3.97
N ARG A 71 -7.68 -5.91 -2.72
CA ARG A 71 -7.46 -7.11 -1.89
C ARG A 71 -8.72 -7.79 -1.43
N HIS A 72 -9.77 -6.97 -1.16
CA HIS A 72 -11.07 -7.52 -0.72
C HIS A 72 -11.68 -8.38 -1.81
N LEU A 73 -11.65 -7.88 -3.05
CA LEU A 73 -12.14 -8.68 -4.23
C LEU A 73 -11.22 -9.88 -4.49
N GLY A 74 -9.93 -9.67 -4.20
CA GLY A 74 -8.96 -10.78 -4.27
C GLY A 74 -9.37 -11.89 -3.36
N ARG A 75 -9.67 -11.58 -2.07
CA ARG A 75 -10.08 -12.63 -1.16
C ARG A 75 -11.47 -13.15 -1.35
N THR A 76 -12.46 -12.33 -1.71
CA THR A 76 -13.79 -12.88 -1.97
C THR A 76 -13.87 -13.62 -3.29
N LEU A 77 -13.21 -13.15 -4.35
CA LEU A 77 -13.25 -13.89 -5.62
C LEU A 77 -12.18 -14.93 -5.85
N GLY A 78 -11.34 -15.23 -4.85
CA GLY A 78 -10.36 -16.28 -4.93
C GLY A 78 -9.20 -15.99 -5.91
N LEU A 79 -8.75 -14.75 -5.85
CA LEU A 79 -7.65 -14.25 -6.69
C LEU A 79 -6.49 -13.78 -5.82
N TYR A 80 -6.14 -14.57 -4.83
CA TYR A 80 -5.09 -14.16 -3.87
C TYR A 80 -4.03 -15.25 -3.69
N GLY A 81 -3.73 -16.04 -4.72
CA GLY A 81 -2.70 -17.07 -4.59
C GLY A 81 -3.36 -18.32 -4.09
N LYS A 82 -2.73 -19.48 -4.10
CA LYS A 82 -3.36 -20.71 -3.68
C LYS A 82 -3.02 -21.13 -2.27
N ASP A 83 -2.10 -20.38 -1.65
CA ASP A 83 -1.69 -20.65 -0.29
C ASP A 83 -1.11 -19.37 0.29
N GLN A 84 -0.62 -19.50 1.52
CA GLN A 84 -0.04 -18.36 2.24
C GLN A 84 1.17 -17.78 1.57
N GLN A 85 2.08 -18.60 1.06
CA GLN A 85 3.27 -18.03 0.41
C GLN A 85 2.93 -17.26 -0.85
N GLU A 86 2.12 -17.86 -1.73
CA GLU A 86 1.69 -17.10 -2.91
C GLU A 86 1.03 -15.79 -2.57
N ALA A 87 0.15 -15.80 -1.55
CA ALA A 87 -0.49 -14.53 -1.15
C ALA A 87 0.55 -13.53 -0.76
N ALA A 88 1.62 -13.97 -0.05
CA ALA A 88 2.63 -12.95 0.28
C ALA A 88 3.29 -12.42 -0.96
N LEU A 89 3.51 -13.23 -1.98
CA LEU A 89 4.21 -12.71 -3.18
C LEU A 89 3.29 -11.85 -4.02
N VAL A 90 1.98 -12.18 -3.97
CA VAL A 90 1.00 -11.30 -4.70
C VAL A 90 0.97 -9.92 -4.10
N ASP A 91 1.15 -9.88 -2.74
CA ASP A 91 1.22 -8.57 -2.07
C ASP A 91 2.45 -7.79 -2.45
N MET A 92 3.60 -8.53 -2.48
CA MET A 92 4.89 -7.90 -2.83
C MET A 92 4.89 -7.28 -4.20
N VAL A 93 4.16 -7.93 -5.12
CA VAL A 93 4.01 -7.39 -6.46
C VAL A 93 3.14 -6.13 -6.43
N ASN A 94 1.96 -6.32 -5.76
CA ASN A 94 1.08 -5.11 -5.73
C ASN A 94 1.72 -3.93 -5.15
N ASP A 95 2.52 -4.17 -4.07
CA ASP A 95 3.23 -3.00 -3.49
C ASP A 95 4.24 -2.34 -4.36
N GLY A 96 4.95 -3.11 -5.21
CA GLY A 96 5.87 -2.52 -6.19
C GLY A 96 5.06 -1.82 -7.29
N VAL A 97 3.91 -2.40 -7.67
CA VAL A 97 3.04 -1.66 -8.61
C VAL A 97 2.55 -0.33 -7.99
N GLU A 98 2.14 -0.35 -6.70
CA GLU A 98 1.72 0.92 -6.06
C GLU A 98 2.82 1.94 -5.99
N ASP A 99 4.09 1.51 -5.74
CA ASP A 99 5.16 2.55 -5.70
C ASP A 99 5.39 3.19 -7.05
N LEU A 100 5.32 2.40 -8.14
CA LEU A 100 5.50 3.03 -9.45
C LEU A 100 4.26 3.89 -9.77
N ARG A 101 3.08 3.39 -9.38
CA ARG A 101 1.85 4.20 -9.59
C ARG A 101 1.97 5.54 -8.90
N CYS A 102 2.44 5.58 -7.64
CA CYS A 102 2.61 6.88 -6.99
C CYS A 102 3.50 7.82 -7.76
N LYS A 103 4.61 7.29 -8.27
CA LYS A 103 5.54 8.17 -9.02
C LYS A 103 4.87 8.63 -10.32
N TYR A 104 4.13 7.74 -10.96
CA TYR A 104 3.40 8.15 -12.17
C TYR A 104 2.47 9.32 -11.89
N VAL A 105 1.62 9.19 -10.89
CA VAL A 105 0.61 10.19 -10.50
C VAL A 105 1.26 11.50 -10.18
N SER A 106 2.34 11.43 -9.40
CA SER A 106 3.12 12.62 -9.05
C SER A 106 3.63 13.36 -10.28
N LEU A 107 4.05 12.65 -11.31
CA LEU A 107 4.52 13.26 -12.53
C LEU A 107 3.38 13.96 -13.24
N ILE A 108 2.27 13.27 -13.46
CA ILE A 108 1.10 13.78 -14.18
C ILE A 108 0.56 15.01 -13.46
N TYR A 109 0.49 14.92 -12.15
CA TYR A 109 -0.07 16.02 -11.38
C TYR A 109 0.85 17.12 -10.96
N THR A 110 2.17 16.96 -10.99
CA THR A 110 3.04 18.02 -10.53
C THR A 110 4.20 18.35 -11.44
N ASN A 111 4.67 17.46 -12.30
CA ASN A 111 5.85 17.79 -13.10
C ASN A 111 5.88 17.23 -14.50
N TYR A 112 4.74 17.17 -15.15
CA TYR A 112 4.61 16.57 -16.47
C TYR A 112 5.50 17.17 -17.53
N GLU A 113 5.42 18.48 -17.74
CA GLU A 113 6.20 19.13 -18.76
C GLU A 113 7.68 19.13 -18.40
N ALA A 114 8.07 19.35 -17.15
CA ALA A 114 9.51 19.36 -16.86
C ALA A 114 10.13 18.04 -16.47
N GLY A 115 9.37 17.06 -16.00
CA GLY A 115 9.92 15.78 -15.62
C GLY A 115 9.67 14.63 -16.57
N LYS A 116 8.88 14.78 -17.62
CA LYS A 116 8.59 13.61 -18.44
C LYS A 116 9.82 12.92 -19.00
N ASP A 117 10.77 13.73 -19.44
CA ASP A 117 11.97 13.21 -20.08
C ASP A 117 12.83 12.42 -19.12
N ASP A 118 13.00 12.89 -17.90
CA ASP A 118 13.74 12.24 -16.84
C ASP A 118 12.97 11.04 -16.28
N TYR A 119 11.63 11.09 -16.29
CA TYR A 119 10.90 9.95 -15.75
C TYR A 119 11.03 8.80 -16.74
N VAL A 120 10.97 9.18 -18.04
CA VAL A 120 11.02 8.18 -19.09
C VAL A 120 12.38 7.49 -19.21
N LYS A 121 13.44 8.24 -18.96
CA LYS A 121 14.81 7.71 -19.02
C LYS A 121 15.01 6.68 -17.91
N ALA A 122 14.43 6.94 -16.74
CA ALA A 122 14.53 6.06 -15.60
C ALA A 122 13.53 4.92 -15.52
N LEU A 123 12.60 4.86 -16.47
CA LEU A 123 11.60 3.83 -16.53
C LEU A 123 12.06 2.40 -16.59
N PRO A 124 13.03 2.09 -17.47
CA PRO A 124 13.49 0.73 -17.64
C PRO A 124 13.94 0.12 -16.32
N GLY A 125 14.67 0.86 -15.52
CA GLY A 125 15.10 0.32 -14.20
C GLY A 125 13.88 0.07 -13.34
N GLN A 126 12.82 0.87 -13.46
CA GLN A 126 11.60 0.66 -12.64
C GLN A 126 10.80 -0.52 -13.15
N LEU A 127 10.91 -0.76 -14.45
CA LEU A 127 10.17 -1.92 -15.02
C LEU A 127 10.91 -3.21 -14.87
N LYS A 128 12.27 -3.21 -14.76
CA LYS A 128 13.00 -4.47 -14.65
C LYS A 128 12.58 -5.50 -13.65
N PRO A 129 12.22 -5.13 -12.39
CA PRO A 129 11.77 -6.04 -11.41
C PRO A 129 10.63 -6.93 -11.83
N PHE A 130 9.65 -6.40 -12.59
CA PHE A 130 8.50 -7.20 -13.00
C PHE A 130 8.87 -8.19 -14.10
N GLU A 131 9.80 -7.79 -14.95
CA GLU A 131 10.42 -8.68 -15.95
C GLU A 131 11.13 -9.81 -15.22
N THR A 132 11.96 -9.42 -14.22
CA THR A 132 12.59 -10.44 -13.38
C THR A 132 11.60 -11.33 -12.69
N LEU A 133 10.55 -10.83 -11.99
CA LEU A 133 9.60 -11.81 -11.39
C LEU A 133 8.99 -12.73 -12.40
N LEU A 134 8.66 -12.24 -13.59
CA LEU A 134 8.04 -13.14 -14.60
C LEU A 134 9.04 -14.21 -15.00
N SER A 135 10.29 -13.81 -15.22
CA SER A 135 11.35 -14.77 -15.57
C SER A 135 11.36 -15.97 -14.64
N GLN A 136 11.22 -15.73 -13.33
CA GLN A 136 11.23 -16.82 -12.39
C GLN A 136 9.96 -17.59 -12.17
N ASN A 137 8.86 -17.21 -12.82
CA ASN A 137 7.64 -17.98 -12.63
C ASN A 137 7.36 -18.71 -13.96
N GLN A 138 7.65 -19.99 -14.02
CA GLN A 138 7.34 -20.75 -15.24
C GLN A 138 7.79 -20.07 -16.53
N GLY A 139 8.99 -19.50 -16.52
CA GLY A 139 9.54 -18.83 -17.67
C GLY A 139 8.67 -17.75 -18.29
N GLY A 140 7.85 -17.08 -17.47
CA GLY A 140 7.07 -15.95 -17.92
C GLY A 140 5.88 -16.28 -18.81
N LYS A 141 5.44 -17.51 -18.81
CA LYS A 141 4.36 -17.98 -19.64
C LYS A 141 2.95 -17.94 -19.05
N THR A 142 2.82 -17.64 -17.76
CA THR A 142 1.47 -17.57 -17.17
C THR A 142 1.19 -16.19 -16.62
N PHE A 143 1.08 -16.09 -15.28
CA PHE A 143 0.77 -14.86 -14.57
C PHE A 143 1.96 -14.49 -13.67
N ILE A 144 1.89 -13.35 -13.03
CA ILE A 144 2.97 -12.83 -12.20
C ILE A 144 3.27 -13.66 -10.99
N VAL A 145 2.36 -14.41 -10.41
CA VAL A 145 2.57 -15.28 -9.27
C VAL A 145 1.75 -16.55 -9.44
N GLY A 146 2.36 -17.71 -9.30
CA GLY A 146 1.65 -18.99 -9.44
C GLY A 146 1.12 -19.14 -10.86
N ASP A 147 0.20 -20.09 -11.03
CA ASP A 147 -0.38 -20.26 -12.35
C ASP A 147 -1.88 -20.06 -12.40
N GLN A 148 -2.35 -19.08 -11.62
CA GLN A 148 -3.75 -18.65 -11.65
C GLN A 148 -3.73 -17.13 -11.52
N ILE A 149 -4.62 -16.42 -12.19
CA ILE A 149 -4.60 -14.95 -12.15
C ILE A 149 -4.87 -14.44 -10.72
N SER A 150 -4.34 -13.31 -10.34
CA SER A 150 -4.53 -12.75 -9.01
C SER A 150 -4.86 -11.28 -9.22
N PHE A 151 -5.21 -10.54 -8.18
CA PHE A 151 -5.57 -9.14 -8.33
C PHE A 151 -4.44 -8.31 -8.78
N ALA A 152 -3.21 -8.73 -8.44
CA ALA A 152 -2.02 -7.95 -8.79
C ALA A 152 -1.77 -8.03 -10.30
N ASP A 153 -2.23 -9.06 -10.94
CA ASP A 153 -2.08 -9.10 -12.45
C ASP A 153 -2.88 -7.98 -13.07
N TYR A 154 -4.12 -7.72 -12.51
CA TYR A 154 -4.93 -6.66 -13.12
C TYR A 154 -4.33 -5.34 -12.83
N ASN A 155 -3.79 -5.11 -11.63
CA ASN A 155 -3.17 -3.83 -11.36
C ASN A 155 -1.90 -3.68 -12.17
N LEU A 156 -1.10 -4.77 -12.23
CA LEU A 156 0.15 -4.63 -13.04
C LEU A 156 -0.23 -4.37 -14.49
N LEU A 157 -1.20 -5.15 -15.02
CA LEU A 157 -1.66 -4.90 -16.41
C LEU A 157 -1.98 -3.45 -16.64
N ASP A 158 -2.85 -2.83 -15.74
CA ASP A 158 -3.14 -1.42 -15.96
C ASP A 158 -1.93 -0.54 -15.93
N LEU A 159 -0.99 -0.80 -14.98
CA LEU A 159 0.15 0.08 -14.90
C LEU A 159 0.99 0.03 -16.21
N LEU A 160 1.05 -1.13 -16.82
CA LEU A 160 1.82 -1.24 -18.09
C LEU A 160 1.09 -0.57 -19.26
N LEU A 161 -0.25 -0.67 -19.31
CA LEU A 161 -1.02 -0.04 -20.37
C LEU A 161 -0.88 1.46 -20.35
N ILE A 162 -0.85 2.11 -19.20
CA ILE A 162 -0.77 3.55 -19.10
C ILE A 162 0.62 4.06 -19.39
N HIS A 163 1.63 3.21 -19.05
CA HIS A 163 3.01 3.64 -19.32
C HIS A 163 3.25 3.51 -20.84
N GLU A 164 2.60 2.56 -21.46
CA GLU A 164 2.72 2.42 -22.92
C GLU A 164 2.05 3.60 -23.59
N VAL A 165 1.17 4.31 -22.89
CA VAL A 165 0.55 5.51 -23.48
C VAL A 165 1.45 6.70 -23.21
N LEU A 166 2.11 6.70 -22.06
CA LEU A 166 3.04 7.76 -21.67
C LEU A 166 4.32 7.71 -22.50
N ALA A 167 4.87 6.49 -22.63
CA ALA A 167 6.15 6.29 -23.34
C ALA A 167 5.96 5.09 -24.25
N PRO A 168 5.38 5.33 -25.42
CA PRO A 168 5.07 4.27 -26.38
C PRO A 168 6.25 3.37 -26.75
N GLY A 169 6.15 2.06 -26.70
CA GLY A 169 7.24 1.16 -27.01
C GLY A 169 8.14 0.90 -25.81
N CYS A 170 7.82 1.52 -24.68
CA CYS A 170 8.66 1.36 -23.50
C CYS A 170 8.73 -0.09 -23.09
N LEU A 171 7.86 -0.97 -23.58
CA LEU A 171 7.99 -2.38 -23.21
C LEU A 171 8.84 -3.12 -24.26
N ASP A 172 9.38 -2.42 -25.23
CA ASP A 172 10.12 -3.10 -26.32
C ASP A 172 11.37 -3.79 -25.80
N ALA A 173 11.92 -3.23 -24.72
CA ALA A 173 13.14 -3.79 -24.10
C ALA A 173 12.82 -4.95 -23.18
N PHE A 174 11.52 -5.28 -23.06
CA PHE A 174 11.08 -6.30 -22.12
C PHE A 174 10.20 -7.33 -22.74
N PRO A 175 10.79 -8.43 -23.23
CA PRO A 175 10.04 -9.46 -23.91
C PRO A 175 9.00 -10.17 -23.07
N LEU A 176 9.21 -10.45 -21.79
CA LEU A 176 8.23 -11.24 -21.05
C LEU A 176 7.01 -10.40 -20.68
N LEU A 177 7.24 -9.14 -20.43
CA LEU A 177 6.22 -8.15 -20.07
C LEU A 177 5.37 -7.86 -21.29
N SER A 178 6.04 -7.62 -22.44
CA SER A 178 5.38 -7.54 -23.73
C SER A 178 4.47 -8.73 -23.95
N ALA A 179 4.92 -9.99 -23.93
CA ALA A 179 3.99 -11.07 -24.20
C ALA A 179 2.88 -11.17 -23.16
N TYR A 180 3.24 -10.82 -21.92
CA TYR A 180 2.30 -10.90 -20.78
C TYR A 180 1.10 -9.96 -21.04
N VAL A 181 1.34 -8.70 -21.33
CA VAL A 181 0.28 -7.79 -21.65
C VAL A 181 -0.56 -8.26 -22.82
N GLY A 182 0.06 -8.90 -23.84
CA GLY A 182 -0.78 -9.31 -24.98
C GLY A 182 -1.60 -10.51 -24.57
N ARG A 183 -1.03 -11.37 -23.78
CA ARG A 183 -1.74 -12.57 -23.34
C ARG A 183 -2.96 -12.22 -22.49
N LEU A 184 -2.80 -11.31 -21.55
CA LEU A 184 -3.85 -10.90 -20.62
C LEU A 184 -4.94 -10.08 -21.34
N SER A 185 -4.54 -9.11 -22.17
CA SER A 185 -5.41 -8.30 -22.97
C SER A 185 -6.33 -9.09 -23.90
N ALA A 186 -5.99 -10.31 -24.18
CA ALA A 186 -6.79 -11.15 -25.07
C ALA A 186 -7.70 -12.09 -24.32
N ARG A 187 -7.78 -11.98 -22.99
CA ARG A 187 -8.77 -12.79 -22.25
C ARG A 187 -10.14 -12.24 -22.70
N PRO A 188 -10.99 -13.17 -23.16
CA PRO A 188 -12.26 -12.81 -23.81
C PRO A 188 -13.12 -11.77 -23.09
N LYS A 189 -13.30 -11.91 -21.77
CA LYS A 189 -14.15 -10.91 -21.09
C LYS A 189 -13.44 -9.61 -20.90
N LEU A 190 -12.11 -9.69 -20.72
CA LEU A 190 -11.31 -8.47 -20.59
C LEU A 190 -11.12 -7.78 -21.89
N LYS A 191 -10.90 -8.49 -22.99
CA LYS A 191 -10.72 -7.85 -24.29
C LYS A 191 -11.98 -7.05 -24.67
N ALA A 192 -13.09 -7.73 -24.49
CA ALA A 192 -14.42 -7.08 -24.75
C ALA A 192 -14.57 -5.82 -23.91
N PHE A 193 -14.25 -5.90 -22.60
CA PHE A 193 -14.36 -4.74 -21.73
C PHE A 193 -13.44 -3.64 -22.14
N LEU A 194 -12.22 -3.96 -22.59
CA LEU A 194 -11.24 -2.92 -22.92
C LEU A 194 -11.54 -2.19 -24.22
N ALA A 195 -12.36 -2.82 -25.05
CA ALA A 195 -12.72 -2.18 -26.34
C ALA A 195 -14.05 -1.42 -26.21
N SER A 196 -14.72 -1.49 -25.08
CA SER A 196 -16.03 -0.86 -24.88
C SER A 196 -15.97 0.59 -24.52
N PRO A 197 -17.01 1.37 -24.92
CA PRO A 197 -17.04 2.79 -24.64
C PRO A 197 -16.90 3.14 -23.15
N GLU A 198 -17.36 2.30 -22.27
CA GLU A 198 -17.34 2.52 -20.82
C GLU A 198 -15.92 2.68 -20.29
N TYR A 199 -15.01 2.06 -21.06
CA TYR A 199 -13.56 2.15 -20.75
C TYR A 199 -12.83 3.13 -21.62
N VAL A 200 -12.90 2.92 -22.95
CA VAL A 200 -12.20 3.80 -23.88
C VAL A 200 -12.61 5.24 -23.80
N ASN A 201 -13.91 5.50 -23.52
CA ASN A 201 -14.36 6.89 -23.50
C ASN A 201 -14.05 7.70 -22.27
N LEU A 202 -13.35 7.11 -21.30
CA LEU A 202 -12.95 7.86 -20.06
C LEU A 202 -11.48 8.18 -20.16
N PRO A 203 -11.07 9.38 -19.77
CA PRO A 203 -9.67 9.73 -19.76
C PRO A 203 -8.94 8.90 -18.72
N ILE A 204 -7.63 8.84 -18.82
CA ILE A 204 -6.80 8.08 -17.88
C ILE A 204 -6.75 8.79 -16.54
N ASN A 205 -6.40 10.07 -16.54
CA ASN A 205 -6.30 10.86 -15.36
C ASN A 205 -7.21 12.10 -15.45
N GLY A 206 -7.51 12.62 -14.28
CA GLY A 206 -8.37 13.77 -14.11
C GLY A 206 -7.95 15.05 -14.73
N ASN A 207 -6.68 15.33 -14.99
CA ASN A 207 -6.30 16.61 -15.60
C ASN A 207 -6.11 16.43 -17.10
N GLY A 208 -6.48 15.26 -17.62
CA GLY A 208 -6.33 15.01 -19.04
C GLY A 208 -4.92 14.96 -19.56
N LYS A 209 -3.90 14.95 -18.70
CA LYS A 209 -2.52 14.74 -19.22
C LYS A 209 -2.31 13.22 -19.18
N GLN A 210 -1.62 12.62 -20.11
CA GLN A 210 -1.39 11.19 -20.14
C GLN A 210 -0.09 10.96 -20.93
N PRO B 2 14.86 -18.25 15.95
CA PRO B 2 14.50 -17.21 14.99
C PRO B 2 14.18 -17.80 13.66
N PRO B 3 12.92 -18.13 13.27
CA PRO B 3 12.66 -18.40 11.89
C PRO B 3 12.83 -17.11 11.11
N TYR B 4 13.06 -16.00 11.84
CA TYR B 4 13.03 -14.70 11.15
C TYR B 4 14.29 -13.89 11.09
N THR B 5 14.52 -13.27 9.93
CA THR B 5 15.65 -12.38 9.77
C THR B 5 15.13 -11.07 9.20
N VAL B 6 15.57 -9.96 9.74
CA VAL B 6 15.19 -8.65 9.23
C VAL B 6 16.45 -8.00 8.74
N VAL B 7 16.52 -7.51 7.50
CA VAL B 7 17.73 -6.86 7.02
C VAL B 7 17.43 -5.40 6.79
N TYR B 8 18.07 -4.47 7.51
CA TYR B 8 17.76 -3.06 7.24
C TYR B 8 18.82 -2.18 7.82
N PHE B 9 18.87 -0.91 7.53
CA PHE B 9 19.75 0.08 8.12
C PHE B 9 19.53 0.13 9.63
N PRO B 10 20.49 0.68 10.37
CA PRO B 10 20.40 0.71 11.84
C PRO B 10 19.54 1.89 12.25
N VAL B 11 18.25 1.81 11.86
CA VAL B 11 17.30 2.89 12.14
C VAL B 11 15.95 2.25 12.39
N ARG B 12 15.02 2.97 13.02
CA ARG B 12 13.69 2.36 13.24
C ARG B 12 12.95 2.33 11.87
N GLY B 13 12.69 3.48 11.30
CA GLY B 13 12.08 3.63 10.00
C GLY B 13 10.93 2.72 9.71
N ARG B 14 10.97 2.07 8.52
CA ARG B 14 9.96 1.15 8.12
C ARG B 14 10.00 -0.21 8.72
N CYS B 15 10.88 -0.42 9.76
CA CYS B 15 10.87 -1.72 10.43
C CYS B 15 10.37 -1.60 11.89
N ALA B 16 10.13 -0.39 12.36
CA ALA B 16 9.64 -0.19 13.74
C ALA B 16 8.38 -0.95 14.03
N ALA B 17 7.36 -0.83 13.12
CA ALA B 17 6.11 -1.55 13.37
C ALA B 17 6.23 -3.01 13.32
N LEU B 18 7.04 -3.60 12.38
CA LEU B 18 7.09 -5.06 12.35
C LEU B 18 7.89 -5.60 13.52
N ARG B 19 8.81 -4.79 14.04
CA ARG B 19 9.60 -5.27 15.22
C ARG B 19 8.75 -5.23 16.49
N MET B 20 7.90 -4.20 16.56
CA MET B 20 6.90 -4.09 17.66
C MET B 20 6.00 -5.29 17.68
N LEU B 21 5.58 -5.74 16.51
CA LEU B 21 4.72 -6.87 16.33
C LEU B 21 5.37 -8.14 16.74
N LEU B 22 6.61 -8.35 16.20
CA LEU B 22 7.35 -9.58 16.52
C LEU B 22 7.61 -9.58 18.03
N ALA B 23 8.01 -8.44 18.58
CA ALA B 23 8.28 -8.45 20.05
C ALA B 23 7.01 -8.67 20.83
N ASP B 24 5.94 -7.95 20.54
CA ASP B 24 4.69 -8.15 21.24
C ASP B 24 4.20 -9.55 21.11
N GLN B 25 4.34 -10.26 19.99
CA GLN B 25 3.78 -11.59 19.86
C GLN B 25 4.72 -12.67 20.37
N GLY B 26 5.80 -12.26 21.04
CA GLY B 26 6.75 -13.23 21.59
C GLY B 26 7.44 -14.04 20.50
N GLN B 27 7.81 -13.42 19.39
CA GLN B 27 8.49 -14.20 18.34
C GLN B 27 9.98 -13.87 18.38
N SER B 28 10.83 -14.81 17.96
CA SER B 28 12.27 -14.52 17.90
C SER B 28 12.75 -14.21 16.51
N TRP B 29 13.66 -13.25 16.35
CA TRP B 29 14.19 -12.89 15.05
C TRP B 29 15.64 -12.41 15.18
N LYS B 30 16.31 -12.39 14.03
CA LYS B 30 17.68 -11.93 14.00
C LYS B 30 17.71 -10.65 13.22
N GLU B 31 18.46 -9.67 13.68
CA GLU B 31 18.66 -8.47 12.91
C GLU B 31 19.94 -8.67 12.10
N GLU B 32 19.92 -8.31 10.84
CA GLU B 32 21.08 -8.34 9.98
C GLU B 32 21.23 -6.87 9.60
N VAL B 33 22.08 -6.15 10.30
CA VAL B 33 22.25 -4.72 10.16
C VAL B 33 23.06 -4.37 8.93
N VAL B 34 22.67 -3.41 8.15
CA VAL B 34 23.31 -2.99 6.93
C VAL B 34 23.74 -1.56 7.14
N THR B 35 25.05 -1.30 7.05
CA THR B 35 25.50 0.08 7.21
C THR B 35 25.52 0.75 5.85
N VAL B 36 25.52 2.08 5.89
CA VAL B 36 25.49 2.86 4.65
C VAL B 36 26.78 2.67 3.89
N GLU B 37 27.81 2.16 4.58
CA GLU B 37 29.05 1.87 3.83
C GLU B 37 28.81 0.61 3.02
N THR B 38 28.33 -0.47 3.62
CA THR B 38 28.04 -1.68 2.83
C THR B 38 27.02 -1.37 1.74
N TRP B 39 25.89 -0.72 2.08
CA TRP B 39 24.87 -0.41 1.08
C TRP B 39 25.52 0.25 -0.13
N GLN B 40 26.30 1.31 0.10
CA GLN B 40 26.90 2.03 -1.02
C GLN B 40 27.90 1.24 -1.85
N GLU B 41 28.30 0.05 -1.36
CA GLU B 41 29.24 -0.76 -2.16
C GLU B 41 28.50 -1.31 -3.38
N GLY B 42 27.19 -1.54 -3.26
CA GLY B 42 26.36 -1.95 -4.36
C GLY B 42 25.99 -3.42 -4.45
N SER B 43 26.68 -4.32 -3.82
CA SER B 43 26.36 -5.73 -4.00
C SER B 43 24.93 -6.10 -3.64
N LEU B 44 24.59 -5.95 -2.38
CA LEU B 44 23.29 -6.32 -1.85
C LEU B 44 22.11 -5.68 -2.56
N LYS B 45 22.20 -4.37 -2.76
CA LYS B 45 21.13 -3.59 -3.38
C LYS B 45 20.74 -4.14 -4.75
N ALA B 46 21.75 -4.49 -5.57
CA ALA B 46 21.47 -5.01 -6.89
C ALA B 46 20.79 -6.35 -6.73
N SER B 47 20.90 -7.00 -5.55
CA SER B 47 20.16 -8.26 -5.43
C SER B 47 18.79 -7.96 -4.77
N CYS B 48 18.56 -6.70 -4.49
CA CYS B 48 17.25 -6.38 -3.86
C CYS B 48 16.24 -6.17 -4.99
N LEU B 49 15.13 -6.89 -4.94
CA LEU B 49 14.10 -6.88 -5.97
C LEU B 49 13.74 -5.47 -6.42
N TYR B 50 13.54 -4.53 -5.51
CA TYR B 50 13.22 -3.17 -5.92
C TYR B 50 14.37 -2.22 -5.52
N GLY B 51 15.51 -2.87 -5.21
CA GLY B 51 16.70 -2.09 -4.87
C GLY B 51 16.60 -1.41 -3.51
N GLN B 52 15.72 -1.92 -2.63
CA GLN B 52 15.55 -1.26 -1.32
C GLN B 52 15.41 -2.24 -0.19
N LEU B 53 15.53 -1.77 1.05
CA LEU B 53 15.30 -2.57 2.26
C LEU B 53 14.10 -1.90 2.98
N PRO B 54 13.46 -2.63 3.89
CA PRO B 54 13.86 -3.93 4.31
C PRO B 54 13.70 -5.13 3.41
N LYS B 55 14.42 -6.18 3.84
CA LYS B 55 14.40 -7.50 3.25
C LYS B 55 14.07 -8.43 4.41
N PHE B 56 13.29 -9.48 4.26
CA PHE B 56 12.87 -10.27 5.41
C PHE B 56 12.89 -11.72 4.98
N GLN B 57 13.26 -12.61 5.88
CA GLN B 57 13.33 -14.02 5.54
C GLN B 57 12.56 -14.76 6.59
N ASP B 58 11.72 -15.65 6.15
CA ASP B 58 10.87 -16.50 6.92
C ASP B 58 11.18 -17.90 6.39
N GLY B 59 12.18 -18.53 7.02
CA GLY B 59 12.61 -19.86 6.51
C GLY B 59 13.15 -19.64 5.10
N ASP B 60 12.63 -20.38 4.12
CA ASP B 60 13.15 -20.14 2.78
C ASP B 60 12.34 -19.17 1.99
N LEU B 61 11.54 -18.31 2.67
CA LEU B 61 10.74 -17.32 1.95
C LEU B 61 11.41 -15.98 2.12
N THR B 62 11.73 -15.30 1.03
CA THR B 62 12.34 -14.00 1.07
C THR B 62 11.33 -12.96 0.56
N LEU B 63 11.09 -11.95 1.39
CA LEU B 63 10.16 -10.89 1.04
C LEU B 63 10.76 -9.53 1.12
N TYR B 64 10.27 -8.59 0.35
CA TYR B 64 10.61 -7.21 0.32
C TYR B 64 9.25 -6.45 0.53
N GLN B 65 9.28 -5.18 0.74
CA GLN B 65 8.07 -4.34 0.94
C GLN B 65 7.56 -4.45 2.39
N SER B 66 7.77 -3.41 3.16
CA SER B 66 7.39 -3.36 4.59
C SER B 66 5.93 -3.74 4.81
N ASN B 67 5.00 -3.22 4.01
CA ASN B 67 3.57 -3.65 4.18
C ASN B 67 3.28 -5.05 3.81
N THR B 68 4.07 -5.62 2.85
CA THR B 68 3.96 -7.04 2.53
C THR B 68 4.36 -7.91 3.69
N ILE B 69 5.45 -7.51 4.36
CA ILE B 69 5.92 -8.23 5.55
C ILE B 69 4.89 -8.12 6.70
N LEU B 70 4.34 -6.95 6.95
CA LEU B 70 3.23 -6.85 7.97
C LEU B 70 2.06 -7.76 7.67
N ARG B 71 1.66 -7.78 6.36
CA ARG B 71 0.55 -8.63 5.95
C ARG B 71 0.86 -10.08 6.13
N HIS B 72 2.12 -10.44 5.75
CA HIS B 72 2.48 -11.86 5.90
C HIS B 72 2.44 -12.34 7.33
N LEU B 73 2.99 -11.55 8.23
CA LEU B 73 2.98 -11.86 9.68
C LEU B 73 1.54 -11.77 10.20
N GLY B 74 0.74 -10.83 9.61
CA GLY B 74 -0.69 -10.81 10.04
C GLY B 74 -1.42 -12.09 9.69
N ARG B 75 -1.31 -12.58 8.46
CA ARG B 75 -1.92 -13.82 8.01
C ARG B 75 -1.41 -15.02 8.76
N THR B 76 -0.10 -15.18 8.93
CA THR B 76 0.48 -16.35 9.58
C THR B 76 0.33 -16.31 11.08
N LEU B 77 0.32 -15.16 11.74
CA LEU B 77 0.16 -15.25 13.22
C LEU B 77 -1.28 -14.97 13.64
N GLY B 78 -2.25 -14.85 12.73
CA GLY B 78 -3.62 -14.55 13.16
C GLY B 78 -3.92 -13.12 13.57
N LEU B 79 -3.30 -12.12 12.97
CA LEU B 79 -3.52 -10.72 13.30
C LEU B 79 -4.14 -9.97 12.10
N TYR B 80 -5.12 -10.64 11.47
CA TYR B 80 -5.71 -10.05 10.27
C TYR B 80 -7.22 -10.02 10.42
N GLY B 81 -7.74 -9.87 11.64
CA GLY B 81 -9.21 -9.77 11.75
C GLY B 81 -9.85 -11.13 11.88
N LYS B 82 -11.11 -11.20 12.30
CA LYS B 82 -11.74 -12.51 12.46
C LYS B 82 -12.35 -13.01 11.16
N ASP B 83 -12.55 -12.13 10.19
CA ASP B 83 -13.20 -12.68 8.96
C ASP B 83 -12.87 -11.78 7.79
N GLN B 84 -13.55 -12.07 6.64
CA GLN B 84 -13.24 -11.24 5.49
C GLN B 84 -13.62 -9.81 5.67
N GLN B 85 -14.79 -9.51 6.31
CA GLN B 85 -15.09 -8.08 6.49
C GLN B 85 -14.06 -7.35 7.33
N GLU B 86 -13.66 -7.88 8.48
CA GLU B 86 -12.62 -7.22 9.29
C GLU B 86 -11.28 -7.17 8.57
N ALA B 87 -10.97 -8.21 7.79
CA ALA B 87 -9.65 -8.15 7.06
C ALA B 87 -9.64 -6.96 6.14
N ALA B 88 -10.78 -6.67 5.45
CA ALA B 88 -10.88 -5.53 4.58
C ALA B 88 -10.70 -4.24 5.33
N LEU B 89 -11.24 -4.15 6.56
CA LEU B 89 -11.14 -2.88 7.32
C LEU B 89 -9.71 -2.79 7.85
N VAL B 90 -9.14 -3.90 8.28
CA VAL B 90 -7.68 -3.80 8.69
C VAL B 90 -6.85 -3.26 7.55
N ASP B 91 -7.13 -3.74 6.32
CA ASP B 91 -6.42 -3.17 5.14
C ASP B 91 -6.66 -1.71 4.95
N MET B 92 -7.97 -1.28 5.10
CA MET B 92 -8.28 0.13 4.88
C MET B 92 -7.54 1.05 5.85
N VAL B 93 -7.37 0.58 7.06
CA VAL B 93 -6.66 1.36 8.08
C VAL B 93 -5.17 1.45 7.72
N ASN B 94 -4.58 0.29 7.45
CA ASN B 94 -3.15 0.23 7.12
C ASN B 94 -2.83 1.12 5.92
N ASP B 95 -3.64 1.06 4.88
CA ASP B 95 -3.41 1.92 3.72
C ASP B 95 -3.50 3.34 4.14
N GLY B 96 -4.40 3.68 5.10
CA GLY B 96 -4.47 5.09 5.52
C GLY B 96 -3.20 5.44 6.26
N VAL B 97 -2.72 4.48 7.04
CA VAL B 97 -1.40 4.76 7.77
C VAL B 97 -0.27 4.95 6.79
N GLU B 98 -0.28 4.11 5.74
CA GLU B 98 0.78 4.21 4.73
C GLU B 98 0.76 5.52 3.99
N ASP B 99 -0.47 6.08 3.69
CA ASP B 99 -0.51 7.37 3.05
C ASP B 99 0.11 8.49 3.84
N LEU B 100 -0.20 8.54 5.16
CA LEU B 100 0.34 9.58 6.01
C LEU B 100 1.85 9.35 6.24
N ARG B 101 2.26 8.11 6.37
CA ARG B 101 3.69 7.79 6.52
C ARG B 101 4.47 8.28 5.33
N CYS B 102 3.99 8.17 4.07
CA CYS B 102 4.70 8.78 2.95
C CYS B 102 4.83 10.28 3.04
N LYS B 103 3.79 10.99 3.49
CA LYS B 103 3.86 12.43 3.65
C LYS B 103 4.90 12.75 4.75
N TYR B 104 4.86 11.99 5.83
CA TYR B 104 5.82 12.17 6.93
C TYR B 104 7.26 12.03 6.37
N VAL B 105 7.47 10.92 5.68
CA VAL B 105 8.76 10.52 5.14
C VAL B 105 9.26 11.60 4.21
N SER B 106 8.32 12.16 3.44
CA SER B 106 8.66 13.24 2.52
C SER B 106 8.97 14.52 3.25
N LEU B 107 8.39 14.77 4.41
CA LEU B 107 8.73 15.99 5.16
C LEU B 107 10.19 15.84 5.62
N ILE B 108 10.49 14.68 6.19
CA ILE B 108 11.82 14.38 6.71
C ILE B 108 12.93 14.41 5.67
N TYR B 109 12.73 13.86 4.49
CA TYR B 109 13.80 13.83 3.51
C TYR B 109 13.86 14.96 2.53
N THR B 110 12.84 15.80 2.38
CA THR B 110 12.95 16.82 1.35
C THR B 110 12.49 18.20 1.72
N ASN B 111 11.87 18.45 2.85
CA ASN B 111 11.38 19.79 3.15
C ASN B 111 11.20 19.97 4.65
N TYR B 112 12.18 19.51 5.44
CA TYR B 112 12.09 19.60 6.87
C TYR B 112 12.08 21.01 7.41
N GLU B 113 13.18 21.75 7.20
CA GLU B 113 13.25 23.09 7.76
C GLU B 113 12.29 24.07 7.13
N ALA B 114 11.83 23.82 5.92
CA ALA B 114 10.90 24.76 5.29
C ALA B 114 9.46 24.33 5.47
N GLY B 115 9.18 23.03 5.43
CA GLY B 115 7.81 22.58 5.54
C GLY B 115 7.29 22.03 6.82
N LYS B 116 7.92 22.20 7.97
CA LYS B 116 7.46 21.57 9.20
C LYS B 116 6.30 22.29 9.87
N ASP B 117 6.26 23.62 9.75
CA ASP B 117 5.18 24.34 10.45
C ASP B 117 3.85 24.07 9.76
N ASP B 118 3.85 24.17 8.42
CA ASP B 118 2.62 23.88 7.70
C ASP B 118 2.16 22.46 7.89
N TYR B 119 3.09 21.51 7.96
CA TYR B 119 2.76 20.12 8.15
C TYR B 119 2.02 19.87 9.45
N VAL B 120 2.48 20.48 10.52
CA VAL B 120 1.96 20.33 11.87
C VAL B 120 0.58 20.98 12.02
N LYS B 121 0.41 22.05 11.28
CA LYS B 121 -0.84 22.82 11.23
C LYS B 121 -1.91 21.97 10.53
N ALA B 122 -1.55 21.17 9.54
CA ALA B 122 -2.40 20.31 8.78
C ALA B 122 -2.62 18.94 9.41
N LEU B 123 -1.85 18.61 10.44
CA LEU B 123 -1.93 17.30 11.07
C LEU B 123 -3.23 16.85 11.68
N PRO B 124 -3.90 17.70 12.45
CA PRO B 124 -5.15 17.34 13.09
C PRO B 124 -6.14 16.78 12.08
N GLY B 125 -6.14 17.31 10.87
CA GLY B 125 -7.05 16.82 9.81
C GLY B 125 -6.67 15.42 9.34
N GLN B 126 -5.38 15.09 9.40
CA GLN B 126 -4.88 13.80 9.01
C GLN B 126 -5.06 12.78 10.11
N LEU B 127 -5.14 13.19 11.36
CA LEU B 127 -5.39 12.24 12.46
C LEU B 127 -6.85 12.02 12.79
N LYS B 128 -7.75 12.93 12.41
CA LYS B 128 -9.20 12.71 12.54
C LYS B 128 -9.81 11.42 12.08
N PRO B 129 -9.52 10.89 10.87
CA PRO B 129 -10.02 9.62 10.44
C PRO B 129 -9.79 8.52 11.42
N PHE B 130 -8.60 8.46 12.08
CA PHE B 130 -8.31 7.36 12.98
C PHE B 130 -9.06 7.56 14.33
N GLU B 131 -9.27 8.81 14.67
CA GLU B 131 -10.08 9.09 15.89
C GLU B 131 -11.49 8.60 15.60
N THR B 132 -11.95 8.88 14.37
CA THR B 132 -13.28 8.43 13.95
C THR B 132 -13.42 6.95 13.90
N LEU B 133 -12.45 6.23 13.31
CA LEU B 133 -12.55 4.77 13.26
C LEU B 133 -12.65 4.19 14.65
N LEU B 134 -11.82 4.67 15.59
CA LEU B 134 -11.90 4.19 16.98
C LEU B 134 -13.30 4.42 17.58
N SER B 135 -13.78 5.65 17.46
CA SER B 135 -15.12 5.95 17.98
C SER B 135 -16.16 5.00 17.45
N GLN B 136 -16.03 4.45 16.25
CA GLN B 136 -16.95 3.48 15.71
C GLN B 136 -16.77 2.06 16.18
N ASN B 137 -15.65 1.70 16.78
CA ASN B 137 -15.43 0.31 17.21
C ASN B 137 -15.55 0.30 18.72
N GLN B 138 -16.67 -0.20 19.23
CA GLN B 138 -16.99 -0.23 20.65
C GLN B 138 -16.53 1.01 21.40
N GLY B 139 -16.80 2.19 20.85
CA GLY B 139 -16.41 3.43 21.46
C GLY B 139 -14.93 3.60 21.70
N GLY B 140 -14.08 2.92 20.92
CA GLY B 140 -12.63 3.15 20.98
C GLY B 140 -11.95 2.61 22.22
N LYS B 141 -12.43 1.51 22.74
CA LYS B 141 -12.00 0.86 23.95
C LYS B 141 -11.13 -0.35 23.73
N THR B 142 -11.12 -0.86 22.49
CA THR B 142 -10.31 -2.05 22.21
C THR B 142 -9.21 -1.69 21.20
N PHE B 143 -9.28 -2.23 20.00
CA PHE B 143 -8.30 -2.02 18.95
C PHE B 143 -8.95 -1.28 17.78
N ILE B 144 -8.16 -0.96 16.76
CA ILE B 144 -8.65 -0.19 15.62
C ILE B 144 -9.74 -0.97 14.92
N VAL B 145 -9.68 -2.28 14.78
CA VAL B 145 -10.71 -3.08 14.15
C VAL B 145 -11.01 -4.30 14.96
N GLY B 146 -12.28 -4.56 15.27
CA GLY B 146 -12.68 -5.75 15.99
C GLY B 146 -12.20 -5.73 17.44
N ASP B 147 -12.18 -6.92 18.02
CA ASP B 147 -11.82 -7.06 19.42
C ASP B 147 -10.42 -7.68 19.60
N GLN B 148 -9.70 -8.01 18.54
CA GLN B 148 -8.39 -8.64 18.60
C GLN B 148 -7.36 -7.69 18.01
N ILE B 149 -6.09 -7.81 18.45
CA ILE B 149 -5.10 -6.88 17.90
C ILE B 149 -4.81 -7.31 16.43
N SER B 150 -4.50 -6.31 15.60
CA SER B 150 -4.18 -6.71 14.24
C SER B 150 -2.84 -6.13 13.83
N PHE B 151 -2.33 -6.46 12.63
CA PHE B 151 -1.05 -5.87 12.22
C PHE B 151 -1.20 -4.41 11.99
N ALA B 152 -2.41 -3.88 11.61
CA ALA B 152 -2.54 -2.42 11.45
C ALA B 152 -2.45 -1.62 12.74
N ASP B 153 -2.74 -2.22 13.86
CA ASP B 153 -2.62 -1.52 15.17
C ASP B 153 -1.17 -1.12 15.46
N TYR B 154 -0.30 -2.11 15.13
CA TYR B 154 1.17 -1.84 15.36
C TYR B 154 1.67 -0.78 14.45
N ASN B 155 1.19 -0.76 13.19
CA ASN B 155 1.65 0.32 12.28
C ASN B 155 1.09 1.66 12.66
N LEU B 156 -0.20 1.74 13.04
CA LEU B 156 -0.81 2.99 13.49
C LEU B 156 -0.11 3.46 14.78
N LEU B 157 0.16 2.49 15.65
CA LEU B 157 0.90 2.87 16.90
C LEU B 157 2.24 3.52 16.55
N ASP B 158 3.02 2.88 15.71
CA ASP B 158 4.29 3.48 15.32
C ASP B 158 4.06 4.84 14.77
N LEU B 159 3.10 4.97 13.80
CA LEU B 159 2.85 6.27 13.20
C LEU B 159 2.48 7.33 14.23
N LEU B 160 1.73 6.94 15.26
CA LEU B 160 1.33 7.95 16.26
C LEU B 160 2.50 8.32 17.18
N LEU B 161 3.28 7.32 17.56
CA LEU B 161 4.49 7.60 18.38
C LEU B 161 5.47 8.49 17.65
N ILE B 162 5.72 8.37 16.34
CA ILE B 162 6.69 9.25 15.69
C ILE B 162 6.18 10.65 15.52
N HIS B 163 4.86 10.82 15.44
CA HIS B 163 4.31 12.18 15.37
C HIS B 163 4.33 12.86 16.74
N GLU B 164 4.15 12.10 17.81
CA GLU B 164 4.28 12.76 19.13
C GLU B 164 5.71 13.29 19.22
N VAL B 165 6.68 12.64 18.55
CA VAL B 165 8.05 13.14 18.58
C VAL B 165 8.16 14.39 17.75
N LEU B 166 7.58 14.41 16.55
CA LEU B 166 7.69 15.57 15.64
C LEU B 166 6.96 16.77 16.24
N ALA B 167 5.73 16.55 16.69
CA ALA B 167 4.86 17.57 17.23
C ALA B 167 4.31 17.15 18.58
N PRO B 168 5.08 17.40 19.64
CA PRO B 168 4.71 16.99 20.99
C PRO B 168 3.30 17.47 21.35
N GLY B 169 2.52 16.64 22.01
CA GLY B 169 1.16 16.95 22.36
C GLY B 169 0.20 16.96 21.17
N CYS B 170 0.53 16.40 20.02
CA CYS B 170 -0.39 16.45 18.88
C CYS B 170 -1.63 15.60 19.06
N LEU B 171 -1.69 14.67 20.01
CA LEU B 171 -2.87 13.85 20.23
C LEU B 171 -3.67 14.35 21.44
N ASP B 172 -3.30 15.51 21.97
CA ASP B 172 -4.01 16.06 23.13
C ASP B 172 -5.48 16.32 22.83
N ALA B 173 -5.76 16.75 21.61
CA ALA B 173 -7.11 16.97 21.12
C ALA B 173 -7.87 15.72 20.71
N PHE B 174 -7.28 14.54 20.85
CA PHE B 174 -7.94 13.29 20.45
C PHE B 174 -7.98 12.28 21.57
N PRO B 175 -9.08 12.19 22.32
CA PRO B 175 -9.16 11.34 23.49
C PRO B 175 -9.00 9.88 23.22
N LEU B 176 -9.59 9.44 22.10
CA LEU B 176 -9.60 8.01 21.85
C LEU B 176 -8.19 7.55 21.43
N LEU B 177 -7.54 8.36 20.63
CA LEU B 177 -6.20 8.09 20.08
C LEU B 177 -5.17 8.22 21.23
N SER B 178 -5.31 9.27 22.05
CA SER B 178 -4.47 9.38 23.25
C SER B 178 -4.61 8.16 24.12
N ALA B 179 -5.84 7.75 24.45
CA ALA B 179 -5.99 6.58 25.27
C ALA B 179 -5.37 5.34 24.63
N TYR B 180 -5.59 5.21 23.32
CA TYR B 180 -5.19 3.99 22.57
C TYR B 180 -3.66 3.82 22.60
N VAL B 181 -2.93 4.90 22.45
CA VAL B 181 -1.47 4.80 22.55
C VAL B 181 -1.08 4.33 23.97
N GLY B 182 -1.78 4.84 24.98
CA GLY B 182 -1.44 4.50 26.35
C GLY B 182 -1.74 3.05 26.60
N ARG B 183 -2.89 2.56 26.18
CA ARG B 183 -3.24 1.14 26.45
C ARG B 183 -2.37 0.13 25.72
N LEU B 184 -2.07 0.42 24.43
CA LEU B 184 -1.21 -0.46 23.64
C LEU B 184 0.22 -0.37 24.12
N SER B 185 0.74 0.83 24.37
CA SER B 185 2.08 0.95 24.90
C SER B 185 2.34 0.20 26.20
N ALA B 186 1.31 -0.23 26.90
CA ALA B 186 1.38 -0.91 28.18
C ALA B 186 1.27 -2.41 28.08
N ARG B 187 1.05 -2.95 26.86
CA ARG B 187 1.03 -4.43 26.82
C ARG B 187 2.44 -4.85 27.28
N PRO B 188 2.53 -5.86 28.10
CA PRO B 188 3.75 -6.28 28.73
C PRO B 188 4.91 -6.54 27.78
N LYS B 189 4.73 -7.47 26.83
CA LYS B 189 5.88 -7.72 25.91
C LYS B 189 6.17 -6.51 25.07
N LEU B 190 5.21 -5.65 24.79
CA LEU B 190 5.48 -4.46 24.00
C LEU B 190 6.14 -3.39 24.80
N LYS B 191 5.66 -3.21 26.04
CA LYS B 191 6.27 -2.18 26.90
C LYS B 191 7.77 -2.47 27.17
N ALA B 192 8.10 -3.72 27.41
CA ALA B 192 9.54 -4.09 27.61
C ALA B 192 10.36 -3.67 26.41
N PHE B 193 9.96 -4.14 25.20
CA PHE B 193 10.60 -3.77 23.96
C PHE B 193 10.74 -2.30 23.73
N LEU B 194 9.72 -1.47 24.04
CA LEU B 194 9.84 -0.04 23.78
C LEU B 194 10.85 0.63 24.70
N ALA B 195 11.15 -0.05 25.79
CA ALA B 195 12.11 0.49 26.76
C ALA B 195 13.51 -0.12 26.55
N SER B 196 13.65 -1.02 25.59
CA SER B 196 14.97 -1.65 25.40
C SER B 196 15.89 -0.81 24.57
N PRO B 197 17.23 -0.99 24.75
CA PRO B 197 18.22 -0.28 23.96
C PRO B 197 18.14 -0.48 22.46
N GLU B 198 17.76 -1.64 21.96
CA GLU B 198 17.68 -1.88 20.52
C GLU B 198 16.60 -1.05 19.83
N TYR B 199 15.64 -0.60 20.64
CA TYR B 199 14.57 0.28 20.21
C TYR B 199 14.98 1.71 20.54
N VAL B 200 15.17 2.02 21.83
CA VAL B 200 15.48 3.38 22.24
C VAL B 200 16.73 3.94 21.64
N ASN B 201 17.77 3.14 21.35
CA ASN B 201 19.02 3.76 20.91
C ASN B 201 19.20 3.84 19.41
N LEU B 202 18.15 3.49 18.66
CA LEU B 202 18.14 3.63 17.19
C LEU B 202 17.46 4.92 16.81
N PRO B 203 18.00 5.68 15.88
CA PRO B 203 17.36 6.89 15.38
C PRO B 203 16.06 6.49 14.63
N ILE B 204 15.16 7.47 14.49
CA ILE B 204 13.89 7.19 13.84
C ILE B 204 14.09 7.09 12.32
N ASN B 205 14.78 8.07 11.78
CA ASN B 205 15.06 8.23 10.38
C ASN B 205 16.56 8.16 10.08
N GLY B 206 16.89 7.92 8.82
CA GLY B 206 18.25 7.85 8.36
C GLY B 206 18.97 9.18 8.34
N ASN B 207 18.32 10.32 8.13
CA ASN B 207 19.06 11.58 8.12
C ASN B 207 19.18 12.16 9.50
N GLY B 208 18.80 11.37 10.49
CA GLY B 208 18.84 11.82 11.88
C GLY B 208 17.97 13.05 12.17
N LYS B 209 16.87 13.23 11.45
CA LYS B 209 15.91 14.30 11.70
C LYS B 209 14.60 13.66 12.18
N GLN B 210 13.91 14.33 13.10
CA GLN B 210 12.67 13.78 13.61
C GLN B 210 11.71 14.82 14.18
S SO4 C . -7.43 -18.50 -16.71
O1 SO4 C . -8.86 -18.90 -16.37
O2 SO4 C . -7.35 -17.90 -18.11
O3 SO4 C . -6.92 -17.44 -15.78
O4 SO4 C . -6.58 -19.75 -16.72
N1 GPR D . -4.76 6.11 -1.31
CA1 GPR D . -6.01 6.38 -2.14
C1 GPR D . -6.49 5.15 -2.89
O11 GPR D . -7.67 4.74 -2.95
O12 GPR D . -5.48 4.35 -3.33
CB1 GPR D . -5.74 7.53 -3.13
CG1 GPR D . -7.03 8.13 -3.60
CD1 GPR D . -6.92 9.35 -4.41
OE1 GPR D . -5.75 9.78 -4.61
N2 GPR D . -8.05 9.93 -4.83
CA2 GPR D . -8.06 11.16 -5.65
C2 GPR D . -9.06 12.16 -4.98
O2 GPR D . -9.99 11.69 -4.34
CB2 GPR D . -8.52 10.91 -7.12
SG2 GPR D . -7.59 9.64 -7.92
N3 GPR D . -8.86 13.41 -5.13
CA3 GPR D . -9.93 14.35 -4.71
C3 GPR D . -9.56 15.00 -3.42
O31 GPR D . -10.05 16.03 -2.92
O32 GPR D . -8.55 14.46 -2.72
CA4 GPR D . -6.90 10.73 -8.98
CB4 GPR D . -6.25 11.97 -8.48
CG4 GPR D . -4.96 11.87 -7.84
CD4 GPR D . -4.35 13.01 -7.38
CE4 GPR D . -4.98 14.26 -7.56
CZ4 GPR D . -6.21 14.40 -8.21
CH4 GPR D . -6.88 13.23 -8.62
CH5 GPR D . -8.20 13.29 -9.36
CZ5 GPR D . -9.06 14.42 -9.24
CE5 GPR D . -10.24 14.45 -9.99
CD5 GPR D . -10.59 13.37 -10.82
CG5 GPR D . -9.76 12.25 -10.90
CB5 GPR D . -8.59 12.23 -10.14
CA5 GPR D . -7.72 10.97 -10.25
O5 GPR D . -6.80 11.39 -11.31
N1 EPE E . -20.63 -2.10 -16.82
C2 EPE E . -21.94 -1.77 -17.48
C3 EPE E . -22.30 -0.30 -17.06
N4 EPE E . -22.17 -0.14 -15.57
C5 EPE E . -20.91 -0.60 -14.91
C6 EPE E . -20.67 -2.09 -15.30
C7 EPE E . -22.54 1.24 -15.17
C8 EPE E . -23.61 1.22 -14.02
O8 EPE E . -23.69 2.48 -13.41
C9 EPE E . -19.92 -3.24 -17.39
C10 EPE E . -20.52 -4.51 -17.99
S EPE E . -19.11 -5.53 -18.47
O1S EPE E . -18.69 -5.31 -19.87
O2S EPE E . -19.31 -6.88 -17.94
O3S EPE E . -17.86 -4.82 -17.58
N1 GPR F . 7.90 0.52 -0.42
CA1 GPR F . 9.18 0.18 0.34
C1 GPR F . 8.85 -0.45 1.68
O11 GPR F . 9.48 -1.40 2.15
O12 GPR F . 7.64 -0.09 2.16
CB1 GPR F . 10.01 1.48 0.61
CG1 GPR F . 11.41 1.09 1.02
CD1 GPR F . 12.36 2.18 1.32
OE1 GPR F . 11.92 3.36 1.19
N2 GPR F . 13.61 1.84 1.70
CA2 GPR F . 14.66 2.87 1.88
C2 GPR F . 15.93 2.43 1.08
O2 GPR F . 16.21 1.27 1.01
CB2 GPR F . 15.07 3.07 3.38
SG2 GPR F . 13.69 3.38 4.42
N3 GPR F . 16.57 3.44 0.56
CA3 GPR F . 18.02 3.30 0.24
C3 GPR F . 18.27 3.09 -1.21
O31 GPR F . 19.41 3.14 -1.74
O32 GPR F . 17.23 2.89 -2.02
CA4 GPR F . 14.05 4.94 4.80
CB4 GPR F . 14.34 5.93 3.73
CG4 GPR F . 13.28 6.56 3.03
CD4 GPR F . 13.54 7.55 2.09
CE4 GPR F . 14.87 7.94 1.85
CZ4 GPR F . 15.94 7.32 2.50
CH4 GPR F . 15.68 6.33 3.47
CH5 GPR F . 16.79 5.70 4.29
CZ5 GPR F . 18.15 5.76 3.87
CE5 GPR F . 19.11 5.23 4.71
CD5 GPR F . 18.79 4.61 5.91
CG5 GPR F . 17.45 4.55 6.31
CB5 GPR F . 16.48 5.10 5.50
CA5 GPR F . 15.03 5.01 5.99
O5 GPR F . 14.91 6.35 6.61
N1 EPE G . 15.96 -9.07 20.10
C2 EPE G . 17.41 -9.14 20.47
C3 EPE G . 18.33 -8.43 19.43
N4 EPE G . 17.85 -8.57 18.06
C5 EPE G . 16.46 -8.91 17.66
C6 EPE G . 15.67 -9.68 18.74
C7 EPE G . 18.89 -8.82 17.03
C8 EPE G . 19.04 -10.33 16.75
O8 EPE G . 19.97 -10.63 15.78
C9 EPE G . 15.04 -9.59 21.14
C10 EPE G . 13.92 -8.54 21.17
S EPE G . 12.77 -8.92 22.53
O1S EPE G . 12.66 -7.67 23.30
O2S EPE G . 13.09 -10.17 23.23
O3S EPE G . 11.35 -9.29 21.76
#